data_3E2S
#
_entry.id   3E2S
#
_cell.length_a   73.062
_cell.length_b   140.931
_cell.length_c   145.338
_cell.angle_alpha   90.00
_cell.angle_beta   90.00
_cell.angle_gamma   90.00
#
_symmetry.space_group_name_H-M   'I 2 2 2'
#
loop_
_entity.id
_entity.type
_entity.pdbx_description
1 polymer 'Proline dehydrogenase'
2 non-polymer PROLINE
3 non-polymer 'FLAVIN-ADENINE DINUCLEOTIDE'
4 non-polymer 'PENTAETHYLENE GLYCOL'
5 water water
#
_entity_poly.entity_id   1
_entity_poly.type   'polypeptide(L)'
_entity_poly.pdbx_seq_one_letter_code
;LPQSVSRAAITAAYRRPETEAVSMLLEQARLPQPVAEQAHKLAYQLADKLRNQKNASGRAGMVQGLLQEFSLSSQEGVAL
MCLAEALLRIPDKATRDALIRDKISNGNWQSHIGRSPSLFVNAATWGLLFTGKLVSTHNEASLSRSLNRIIGKSGEPLIR
KGVDMAMRLMGEQFVTGETIAEALANARKLEEKGFRYSYDMLGEAALTAADAQAYMVSYQQAIHAIGKASNGRGIYEGPG
ISIKLSALHPRYSRAQYDRVMEELYPRLKSLTLLARQYDIGINIDAEESDRLEISLDLLEKLCFEPELAGWNGIGFVIQA
YQKRCPLVIDYLIDLATRSRRRLMIRLVKGAYWDSEIKRAQMDGLEGYPVYTRKVYTDVSYLACAKKLLAVPNLIYPQFA
THNAHTLAAIYQLAGQNYYPGQYEFQCLHGMGEPLYEQVTGKVADGKLNRPCRISAPVGTHETLLAYLVRRLLENGANTS
FVNRIADTSLPLDELVADPVTAVEKLAQQEGQTGLPHPKIPLPRDLYGHGRDNSAGLDLANEHRLHHHHHH
;
_entity_poly.pdbx_strand_id   A
#
# COMPACT_ATOMS: atom_id res chain seq x y z
N GLN A 3 8.47 -5.76 29.94
CA GLN A 3 8.72 -5.33 28.57
C GLN A 3 10.02 -4.54 28.46
N SER A 4 10.72 -4.73 27.35
CA SER A 4 11.91 -3.93 27.07
C SER A 4 11.51 -2.47 26.92
N VAL A 5 12.49 -1.58 27.02
CA VAL A 5 12.22 -0.16 26.89
C VAL A 5 11.40 0.14 25.63
N SER A 6 11.84 -0.42 24.50
CA SER A 6 11.18 -0.14 23.23
C SER A 6 9.79 -0.76 23.14
N ARG A 7 9.60 -1.93 23.74
CA ARG A 7 8.26 -2.55 23.78
C ARG A 7 7.29 -1.78 24.68
N ALA A 8 7.78 -1.34 25.84
CA ALA A 8 7.00 -0.52 26.74
C ALA A 8 6.53 0.77 26.05
N ALA A 9 7.40 1.36 25.25
CA ALA A 9 7.06 2.62 24.58
C ALA A 9 5.97 2.42 23.53
N ILE A 10 5.95 1.26 22.89
CA ILE A 10 4.90 0.89 21.95
C ILE A 10 3.58 0.84 22.70
N THR A 11 3.52 -0.02 23.71
CA THR A 11 2.30 -0.18 24.50
C THR A 11 1.72 1.16 24.95
N ALA A 12 2.57 2.03 25.48
CA ALA A 12 2.13 3.32 26.00
C ALA A 12 1.56 4.26 24.93
N ALA A 13 1.89 4.02 23.66
CA ALA A 13 1.44 4.91 22.59
C ALA A 13 0.17 4.41 21.90
N TYR A 14 -0.30 3.23 22.32
CA TYR A 14 -1.42 2.54 21.69
C TYR A 14 -2.55 3.47 21.18
N ARG A 15 -3.09 4.30 22.06
CA ARG A 15 -4.25 5.11 21.69
C ARG A 15 -4.10 6.56 22.14
N ARG A 16 -2.88 7.08 22.12
CA ARG A 16 -2.67 8.44 22.62
C ARG A 16 -3.44 9.46 21.80
N PRO A 17 -3.85 10.56 22.44
CA PRO A 17 -4.67 11.58 21.79
C PRO A 17 -4.07 12.09 20.49
N GLU A 18 -4.91 12.28 19.48
CA GLU A 18 -4.47 12.73 18.18
C GLU A 18 -3.72 14.07 18.19
N THR A 19 -4.18 15.02 18.99
CA THR A 19 -3.49 16.31 19.06
C THR A 19 -2.03 16.07 19.45
N GLU A 20 -1.85 15.19 20.43
CA GLU A 20 -0.52 14.87 20.93
C GLU A 20 0.30 14.10 19.90
N ALA A 21 -0.27 13.04 19.35
CA ALA A 21 0.46 12.21 18.40
C ALA A 21 0.87 13.01 17.17
N VAL A 22 -0.08 13.74 16.60
CA VAL A 22 0.17 14.52 15.39
C VAL A 22 1.18 15.64 15.66
N SER A 23 1.15 16.21 16.85
CA SER A 23 2.05 17.29 17.20
C SER A 23 3.49 16.80 17.24
N MET A 24 3.67 15.59 17.74
CA MET A 24 5.00 14.97 17.82
C MET A 24 5.57 14.64 16.44
N LEU A 25 4.72 14.16 15.54
CA LEU A 25 5.15 13.78 14.19
C LEU A 25 5.55 14.96 13.32
N LEU A 26 4.97 16.12 13.58
CA LEU A 26 4.98 17.20 12.59
C LEU A 26 6.38 17.59 12.13
N GLU A 27 7.27 17.82 13.08
CA GLU A 27 8.62 18.27 12.74
C GLU A 27 9.50 17.11 12.23
N GLN A 28 9.19 15.90 12.65
CA GLN A 28 9.85 14.72 12.09
C GLN A 28 9.47 14.50 10.63
N ALA A 29 8.26 14.93 10.25
CA ALA A 29 7.80 14.73 8.88
C ALA A 29 8.15 15.89 7.95
N ARG A 30 8.42 17.07 8.51
CA ARG A 30 8.59 18.27 7.69
C ARG A 30 9.72 18.13 6.68
N LEU A 31 9.42 18.30 5.41
CA LEU A 31 10.46 18.27 4.38
C LEU A 31 11.22 19.60 4.38
N PRO A 32 12.55 19.52 4.47
CA PRO A 32 13.34 20.76 4.38
C PRO A 32 12.96 21.51 3.11
N GLN A 33 12.74 22.81 3.24
CA GLN A 33 12.24 23.65 2.14
C GLN A 33 12.68 23.27 0.73
N PRO A 34 14.00 23.08 0.53
CA PRO A 34 14.50 22.72 -0.81
C PRO A 34 13.92 21.40 -1.29
N VAL A 35 13.99 20.39 -0.42
CA VAL A 35 13.44 19.07 -0.74
C VAL A 35 11.93 19.15 -1.00
N ALA A 36 11.23 19.90 -0.18
CA ALA A 36 9.79 20.13 -0.34
C ALA A 36 9.45 20.56 -1.76
N GLU A 37 10.18 21.55 -2.28
CA GLU A 37 9.93 22.09 -3.61
C GLU A 37 10.23 21.09 -4.73
N GLN A 38 11.31 20.34 -4.59
CA GLN A 38 11.63 19.29 -5.56
C GLN A 38 10.59 18.19 -5.50
N ALA A 39 10.16 17.86 -4.29
CA ALA A 39 9.10 16.87 -4.10
C ALA A 39 7.83 17.38 -4.78
N HIS A 40 7.51 18.65 -4.58
CA HIS A 40 6.32 19.21 -5.24
C HIS A 40 6.39 19.09 -6.76
N LYS A 41 7.50 19.52 -7.36
CA LYS A 41 7.63 19.50 -8.82
C LYS A 41 7.56 18.08 -9.39
N LEU A 42 8.20 17.14 -8.71
CA LEU A 42 8.20 15.75 -9.15
C LEU A 42 6.80 15.13 -9.02
N ALA A 43 6.17 15.34 -7.86
CA ALA A 43 4.78 14.90 -7.66
C ALA A 43 3.85 15.46 -8.74
N TYR A 44 3.90 16.77 -8.92
CA TYR A 44 3.07 17.42 -9.93
C TYR A 44 3.23 16.73 -11.29
N GLN A 45 4.48 16.56 -11.72
CA GLN A 45 4.80 15.93 -13.01
C GLN A 45 4.31 14.49 -13.12
N LEU A 46 4.56 13.69 -12.08
CA LEU A 46 4.06 12.32 -12.06
C LEU A 46 2.54 12.32 -12.20
N ALA A 47 1.88 13.17 -11.43
CA ALA A 47 0.41 13.23 -11.44
C ALA A 47 -0.13 13.74 -12.78
N ASP A 48 0.54 14.74 -13.34
CA ASP A 48 0.16 15.27 -14.65
C ASP A 48 0.21 14.16 -15.72
N LYS A 49 1.34 13.46 -15.82
CA LYS A 49 1.50 12.42 -16.83
C LYS A 49 0.52 11.29 -16.63
N LEU A 50 0.14 11.05 -15.38
CA LEU A 50 -0.73 9.93 -15.06
C LEU A 50 -2.17 10.24 -15.44
N ARG A 51 -2.61 11.43 -15.04
CA ARG A 51 -3.97 11.87 -15.28
C ARG A 51 -4.20 12.16 -16.75
N ASN A 52 -3.18 12.67 -17.41
CA ASN A 52 -3.34 13.16 -18.77
C ASN A 52 -2.61 12.31 -19.79
N GLN A 53 -2.49 11.02 -19.51
CA GLN A 53 -1.79 10.08 -20.37
C GLN A 53 -2.39 10.13 -21.79
N LYS A 54 -3.71 10.08 -21.87
CA LYS A 54 -4.39 10.18 -23.15
C LYS A 54 -5.06 11.54 -23.29
N ASN A 55 -4.38 12.55 -22.77
CA ASN A 55 -4.82 13.94 -22.91
C ASN A 55 -6.24 14.17 -22.39
N ALA A 56 -6.57 13.58 -21.24
CA ALA A 56 -7.94 13.64 -20.71
C ALA A 56 -8.31 15.05 -20.24
N SER A 57 -7.31 15.88 -19.98
CA SER A 57 -7.56 17.25 -19.55
C SER A 57 -7.59 18.20 -20.74
N GLY A 58 -6.63 18.05 -21.65
CA GLY A 58 -6.60 18.86 -22.86
C GLY A 58 -7.85 18.66 -23.70
N ARG A 59 -8.45 17.48 -23.57
CA ARG A 59 -9.66 17.14 -24.31
C ARG A 59 -10.89 17.77 -23.66
N ALA A 60 -10.86 17.92 -22.35
CA ALA A 60 -11.92 18.64 -21.66
C ALA A 60 -11.84 20.13 -22.01
N GLY A 61 -10.62 20.62 -22.18
CA GLY A 61 -10.40 22.02 -22.53
C GLY A 61 -10.93 22.38 -23.90
N MET A 62 -10.78 21.46 -24.86
CA MET A 62 -11.27 21.68 -26.21
C MET A 62 -12.80 21.71 -26.22
N VAL A 63 -13.42 20.93 -25.34
CA VAL A 63 -14.87 20.90 -25.23
C VAL A 63 -15.41 22.22 -24.71
N GLN A 64 -15.02 22.58 -23.49
CA GLN A 64 -15.50 23.80 -22.85
C GLN A 64 -15.27 25.03 -23.72
N GLY A 65 -14.24 24.96 -24.57
CA GLY A 65 -13.94 26.06 -25.48
C GLY A 65 -15.05 26.28 -26.49
N LEU A 66 -15.83 25.23 -26.75
CA LEU A 66 -16.96 25.31 -27.64
C LEU A 66 -18.27 25.37 -26.84
N LEU A 67 -18.25 24.85 -25.63
CA LEU A 67 -19.42 24.87 -24.76
C LEU A 67 -19.79 26.30 -24.40
N GLN A 68 -18.86 27.22 -24.60
CA GLN A 68 -19.09 28.63 -24.31
C GLN A 68 -19.36 29.42 -25.59
N GLU A 69 -18.57 29.15 -26.63
CA GLU A 69 -18.72 29.84 -27.92
C GLU A 69 -20.11 29.61 -28.52
N PHE A 70 -20.90 28.74 -27.88
CA PHE A 70 -22.25 28.46 -28.33
C PHE A 70 -23.20 28.39 -27.14
N SER A 71 -22.64 28.44 -25.93
CA SER A 71 -23.44 28.39 -24.72
C SER A 71 -24.42 27.23 -24.75
N LEU A 72 -23.90 26.04 -25.01
CA LEU A 72 -24.73 24.83 -25.07
C LEU A 72 -24.57 23.98 -23.82
N SER A 73 -25.60 23.18 -23.53
CA SER A 73 -25.59 22.30 -22.36
C SER A 73 -24.81 21.03 -22.64
N SER A 74 -24.76 20.13 -21.66
CA SER A 74 -24.07 18.86 -21.82
C SER A 74 -24.72 18.02 -22.91
N GLN A 75 -26.01 17.75 -22.75
CA GLN A 75 -26.77 16.99 -23.74
C GLN A 75 -26.79 17.70 -25.09
N GLU A 76 -26.58 19.00 -25.07
CA GLU A 76 -26.55 19.79 -26.30
C GLU A 76 -25.30 19.52 -27.11
N GLY A 77 -24.14 19.75 -26.50
CA GLY A 77 -22.86 19.55 -27.17
C GLY A 77 -22.71 18.16 -27.74
N VAL A 78 -23.13 17.16 -26.97
CA VAL A 78 -23.11 15.77 -27.40
C VAL A 78 -23.92 15.55 -28.68
N ALA A 79 -25.13 16.08 -28.72
CA ALA A 79 -25.96 15.98 -29.90
C ALA A 79 -25.23 16.52 -31.13
N LEU A 80 -24.44 17.57 -30.93
CA LEU A 80 -23.72 18.19 -32.02
C LEU A 80 -22.58 17.28 -32.50
N MET A 81 -21.90 16.65 -31.55
CA MET A 81 -20.78 15.78 -31.88
C MET A 81 -21.24 14.61 -32.74
N CYS A 82 -22.40 14.07 -32.40
CA CYS A 82 -22.98 12.96 -33.16
C CYS A 82 -23.23 13.38 -34.60
N LEU A 83 -23.80 14.58 -34.75
CA LEU A 83 -24.04 15.16 -36.06
C LEU A 83 -22.72 15.34 -36.81
N ALA A 84 -21.72 15.86 -36.12
CA ALA A 84 -20.41 16.09 -36.72
C ALA A 84 -19.75 14.77 -37.10
N GLU A 85 -20.01 13.73 -36.32
CA GLU A 85 -19.46 12.40 -36.59
C GLU A 85 -20.09 11.80 -37.83
N ALA A 86 -21.41 11.94 -37.94
CA ALA A 86 -22.14 11.43 -39.08
C ALA A 86 -21.70 12.15 -40.34
N LEU A 87 -21.32 13.42 -40.19
CA LEU A 87 -20.98 14.22 -41.35
C LEU A 87 -19.58 13.86 -41.80
N LEU A 88 -18.75 13.46 -40.85
CA LEU A 88 -17.40 13.06 -41.15
C LEU A 88 -17.34 11.68 -41.82
N ARG A 89 -18.44 10.95 -41.76
CA ARG A 89 -18.55 9.64 -42.39
C ARG A 89 -18.99 9.75 -43.84
N ILE A 90 -19.26 10.98 -44.28
CA ILE A 90 -19.48 11.25 -45.69
C ILE A 90 -18.12 11.31 -46.34
N PRO A 91 -17.86 10.39 -47.29
CA PRO A 91 -16.53 10.11 -47.86
C PRO A 91 -15.94 11.29 -48.62
N ASP A 92 -16.78 12.00 -49.38
CA ASP A 92 -16.29 13.10 -50.20
C ASP A 92 -16.59 14.45 -49.57
N LYS A 93 -15.60 15.33 -49.57
CA LYS A 93 -15.74 16.64 -48.93
C LYS A 93 -16.80 17.50 -49.60
N ALA A 94 -16.87 17.44 -50.94
CA ALA A 94 -17.80 18.28 -51.68
C ALA A 94 -19.23 17.98 -51.26
N THR A 95 -19.52 16.69 -51.09
CA THR A 95 -20.87 16.26 -50.74
C THR A 95 -21.18 16.67 -49.30
N ARG A 96 -20.17 16.57 -48.45
CA ARG A 96 -20.32 16.97 -47.05
C ARG A 96 -20.59 18.47 -46.96
N ASP A 97 -19.76 19.25 -47.65
CA ASP A 97 -19.93 20.69 -47.71
C ASP A 97 -21.33 21.06 -48.21
N ALA A 98 -21.69 20.56 -49.38
CA ALA A 98 -22.97 20.87 -50.01
C ALA A 98 -24.16 20.52 -49.13
N LEU A 99 -23.98 19.52 -48.28
CA LEU A 99 -25.05 19.13 -47.36
C LEU A 99 -25.18 20.14 -46.22
N GLY A 155 -35.44 -14.16 -4.43
CA GLY A 155 -35.22 -14.24 -3.00
C GLY A 155 -33.83 -13.80 -2.59
N GLU A 156 -33.35 -14.31 -1.46
CA GLU A 156 -32.00 -13.99 -1.01
C GLU A 156 -30.91 -14.68 -1.84
N PRO A 157 -31.20 -15.88 -2.38
CA PRO A 157 -30.18 -16.49 -3.24
C PRO A 157 -29.82 -15.57 -4.39
N LEU A 158 -30.77 -14.76 -4.85
CA LEU A 158 -30.51 -13.77 -5.88
C LEU A 158 -29.53 -12.73 -5.37
N ILE A 159 -29.70 -12.35 -4.11
CA ILE A 159 -28.83 -11.38 -3.46
C ILE A 159 -27.44 -11.99 -3.14
N ARG A 160 -27.44 -13.21 -2.62
CA ARG A 160 -26.20 -13.92 -2.30
C ARG A 160 -25.35 -14.16 -3.54
N LYS A 161 -26.01 -14.36 -4.68
CA LYS A 161 -25.31 -14.62 -5.93
C LYS A 161 -24.89 -13.31 -6.58
N GLY A 162 -25.72 -12.28 -6.45
CA GLY A 162 -25.41 -10.96 -6.97
C GLY A 162 -24.13 -10.40 -6.38
N VAL A 163 -23.93 -10.63 -5.07
CA VAL A 163 -22.74 -10.18 -4.38
C VAL A 163 -21.52 -11.00 -4.83
N ASP A 164 -21.73 -12.29 -5.03
CA ASP A 164 -20.66 -13.16 -5.49
C ASP A 164 -20.17 -12.75 -6.88
N MET A 165 -21.12 -12.39 -7.75
CA MET A 165 -20.79 -12.04 -9.12
C MET A 165 -20.14 -10.68 -9.22
N ALA A 166 -20.64 -9.73 -8.44
CA ALA A 166 -20.09 -8.38 -8.44
C ALA A 166 -18.67 -8.38 -7.89
N MET A 167 -18.40 -9.26 -6.93
CA MET A 167 -17.06 -9.40 -6.37
C MET A 167 -16.09 -9.90 -7.42
N ARG A 168 -16.49 -10.97 -8.10
CA ARG A 168 -15.64 -11.57 -9.13
C ARG A 168 -15.39 -10.63 -10.30
N LEU A 169 -16.42 -9.93 -10.75
CA LEU A 169 -16.27 -8.97 -11.83
C LEU A 169 -15.33 -7.82 -11.47
N MET A 170 -15.51 -7.27 -10.27
CA MET A 170 -14.71 -6.14 -9.83
C MET A 170 -13.31 -6.57 -9.40
N GLY A 171 -13.21 -7.85 -9.04
CA GLY A 171 -11.99 -8.39 -8.47
C GLY A 171 -10.93 -8.77 -9.49
N GLU A 172 -11.35 -9.11 -10.71
CA GLU A 172 -10.41 -9.56 -11.73
C GLU A 172 -9.22 -8.64 -11.86
N GLN A 173 -9.49 -7.33 -11.89
CA GLN A 173 -8.46 -6.34 -12.11
C GLN A 173 -7.35 -6.36 -11.04
N PHE A 174 -7.65 -6.94 -9.87
CA PHE A 174 -6.67 -6.96 -8.77
C PHE A 174 -5.99 -8.30 -8.59
N VAL A 175 -6.42 -9.31 -9.34
CA VAL A 175 -5.84 -10.63 -9.18
C VAL A 175 -4.85 -10.95 -10.31
N THR A 176 -3.69 -11.47 -9.95
CA THR A 176 -2.64 -11.77 -10.93
C THR A 176 -2.88 -13.12 -11.58
N GLY A 177 -3.26 -14.11 -10.78
CA GLY A 177 -3.60 -15.43 -11.30
C GLY A 177 -4.32 -16.33 -10.30
N GLU A 178 -5.00 -17.34 -10.80
CA GLU A 178 -5.74 -18.28 -9.95
C GLU A 178 -4.80 -19.25 -9.22
N THR A 179 -3.65 -19.52 -9.82
CA THR A 179 -2.66 -20.43 -9.26
C THR A 179 -1.28 -19.78 -9.32
N ILE A 180 -0.36 -20.28 -8.50
CA ILE A 180 0.97 -19.66 -8.43
C ILE A 180 1.72 -19.78 -9.75
N ALA A 181 1.58 -20.92 -10.44
CA ALA A 181 2.21 -21.09 -11.74
C ALA A 181 1.70 -20.09 -12.76
N GLU A 182 0.39 -19.82 -12.74
CA GLU A 182 -0.21 -18.87 -13.68
C GLU A 182 0.24 -17.43 -13.38
N ALA A 183 0.36 -17.10 -12.10
CA ALA A 183 0.89 -15.80 -11.70
C ALA A 183 2.36 -15.65 -12.10
N LEU A 184 3.18 -16.66 -11.82
CA LEU A 184 4.59 -16.61 -12.20
C LEU A 184 4.73 -16.40 -13.71
N ALA A 185 3.89 -17.08 -14.48
CA ALA A 185 3.92 -16.98 -15.94
C ALA A 185 3.74 -15.54 -16.42
N ASN A 186 3.03 -14.74 -15.64
CA ASN A 186 2.76 -13.34 -16.01
C ASN A 186 3.83 -12.37 -15.51
N ALA A 187 4.95 -12.90 -15.03
CA ALA A 187 5.96 -12.08 -14.36
C ALA A 187 6.91 -11.37 -15.32
N ARG A 188 7.37 -12.09 -16.34
CA ARG A 188 8.45 -11.62 -17.21
C ARG A 188 8.19 -10.24 -17.81
N LYS A 189 7.01 -10.08 -18.39
CA LYS A 189 6.64 -8.83 -19.05
C LYS A 189 7.12 -7.61 -18.29
N LEU A 190 6.84 -7.55 -16.99
CA LEU A 190 7.25 -6.41 -16.20
C LEU A 190 8.59 -6.60 -15.51
N GLU A 191 8.97 -7.86 -15.26
CA GLU A 191 10.28 -8.12 -14.69
C GLU A 191 11.37 -7.71 -15.69
N GLU A 192 11.06 -7.81 -16.97
CA GLU A 192 11.98 -7.42 -18.03
C GLU A 192 12.16 -5.91 -18.06
N LYS A 193 11.26 -5.20 -17.40
CA LYS A 193 11.32 -3.74 -17.38
C LYS A 193 11.86 -3.20 -16.06
N GLY A 194 12.25 -4.10 -15.17
CA GLY A 194 12.85 -3.71 -13.90
C GLY A 194 11.89 -3.79 -12.71
N PHE A 195 10.68 -4.29 -12.95
CA PHE A 195 9.74 -4.51 -11.85
C PHE A 195 10.12 -5.78 -11.12
N ARG A 196 9.73 -5.85 -9.85
CA ARG A 196 9.88 -7.09 -9.10
C ARG A 196 8.50 -7.50 -8.60
N TYR A 197 8.39 -8.71 -8.06
CA TYR A 197 7.11 -9.22 -7.57
C TYR A 197 7.19 -9.78 -6.17
N SER A 198 6.07 -9.67 -5.47
CA SER A 198 5.85 -10.40 -4.22
C SER A 198 4.50 -11.11 -4.37
N TYR A 199 4.47 -12.41 -4.15
CA TYR A 199 3.21 -13.15 -4.34
C TYR A 199 2.40 -13.30 -3.06
N ASP A 200 1.12 -12.97 -3.17
CA ASP A 200 0.21 -12.88 -2.04
C ASP A 200 -0.90 -13.90 -2.23
N MET A 201 -0.71 -15.08 -1.65
CA MET A 201 -1.69 -16.16 -1.70
C MET A 201 -2.93 -15.70 -0.95
N LEU A 202 -4.00 -15.42 -1.68
CA LEU A 202 -5.24 -14.93 -1.04
C LEU A 202 -5.82 -15.96 -0.08
N GLY A 203 -6.46 -15.49 0.98
CA GLY A 203 -7.06 -16.39 1.94
C GLY A 203 -6.56 -16.07 3.34
N GLU A 204 -7.46 -15.79 4.26
CA GLU A 204 -7.06 -15.26 5.55
C GLU A 204 -8.09 -15.62 6.61
N ALA A 205 -7.78 -15.29 7.86
CA ALA A 205 -8.72 -15.52 8.96
C ALA A 205 -9.21 -16.96 9.01
N ALA A 206 -8.27 -17.91 8.96
CA ALA A 206 -8.63 -19.34 9.03
C ALA A 206 -9.58 -19.57 10.19
N LEU A 207 -10.68 -20.26 9.93
CA LEU A 207 -11.66 -20.50 10.98
C LEU A 207 -11.48 -21.85 11.65
N THR A 208 -10.95 -22.82 10.90
CA THR A 208 -10.77 -24.16 11.44
C THR A 208 -9.31 -24.60 11.37
N ALA A 209 -9.02 -25.73 12.02
CA ALA A 209 -7.70 -26.33 11.94
C ALA A 209 -7.42 -26.78 10.51
N ALA A 210 -8.44 -27.34 9.87
CA ALA A 210 -8.30 -27.74 8.47
C ALA A 210 -7.98 -26.54 7.58
N ASP A 211 -8.71 -25.43 7.77
CA ASP A 211 -8.48 -24.22 6.99
C ASP A 211 -7.00 -23.84 7.02
N ALA A 212 -6.46 -23.76 8.24
CA ALA A 212 -5.11 -23.26 8.46
C ALA A 212 -4.08 -24.20 7.85
N GLN A 213 -4.41 -25.48 7.87
CA GLN A 213 -3.56 -26.52 7.30
C GLN A 213 -3.49 -26.35 5.78
N ALA A 214 -4.66 -26.14 5.17
CA ALA A 214 -4.72 -25.91 3.74
C ALA A 214 -3.88 -24.68 3.34
N TYR A 215 -4.01 -23.61 4.11
CA TYR A 215 -3.24 -22.40 3.82
C TYR A 215 -1.75 -22.66 3.95
N MET A 216 -1.37 -23.45 4.96
CA MET A 216 0.03 -23.80 5.20
C MET A 216 0.59 -24.57 4.02
N VAL A 217 -0.19 -25.52 3.51
CA VAL A 217 0.23 -26.34 2.38
C VAL A 217 0.35 -25.48 1.12
N SER A 218 -0.61 -24.57 0.93
CA SER A 218 -0.57 -23.69 -0.23
C SER A 218 0.65 -22.75 -0.22
N TYR A 219 1.03 -22.24 0.95
CA TYR A 219 2.19 -21.36 1.07
C TYR A 219 3.49 -22.11 0.72
N GLN A 220 3.58 -23.37 1.18
CA GLN A 220 4.76 -24.21 0.95
C GLN A 220 4.96 -24.46 -0.54
N GLN A 221 3.89 -24.90 -1.18
CA GLN A 221 3.87 -25.07 -2.62
C GLN A 221 4.25 -23.79 -3.36
N ALA A 222 3.69 -22.65 -2.95
CA ALA A 222 4.05 -21.36 -3.55
C ALA A 222 5.54 -21.03 -3.40
N ILE A 223 6.11 -21.36 -2.25
CA ILE A 223 7.51 -21.04 -2.01
C ILE A 223 8.42 -21.87 -2.92
N HIS A 224 8.11 -23.16 -3.06
CA HIS A 224 8.84 -24.02 -4.00
C HIS A 224 8.77 -23.44 -5.42
N ALA A 225 7.57 -23.07 -5.84
CA ALA A 225 7.36 -22.52 -7.19
C ALA A 225 8.05 -21.16 -7.43
N ILE A 226 7.92 -20.26 -6.48
CA ILE A 226 8.54 -18.95 -6.61
C ILE A 226 10.06 -19.08 -6.51
N GLY A 227 10.50 -19.95 -5.60
CA GLY A 227 11.91 -20.20 -5.40
C GLY A 227 12.58 -20.82 -6.62
N LYS A 228 11.85 -21.67 -7.34
CA LYS A 228 12.37 -22.25 -8.57
C LYS A 228 12.38 -21.20 -9.68
N ALA A 229 11.38 -20.33 -9.67
CA ALA A 229 11.32 -19.22 -10.61
C ALA A 229 12.43 -18.21 -10.34
N SER A 230 12.63 -17.89 -9.06
CA SER A 230 13.69 -16.95 -8.67
C SER A 230 15.06 -17.44 -9.17
N ASN A 231 15.37 -18.71 -8.88
CA ASN A 231 16.57 -19.34 -9.42
C ASN A 231 17.84 -18.60 -9.02
N GLY A 232 17.95 -18.26 -7.75
CA GLY A 232 19.15 -17.65 -7.21
C GLY A 232 19.23 -16.13 -7.33
N ARG A 233 18.21 -15.50 -7.89
CA ARG A 233 18.23 -14.04 -8.03
C ARG A 233 18.32 -13.27 -6.71
N GLY A 234 17.96 -13.92 -5.61
CA GLY A 234 18.15 -13.33 -4.29
C GLY A 234 16.98 -12.47 -3.83
N ILE A 235 17.05 -12.00 -2.59
CA ILE A 235 15.91 -11.36 -1.94
C ILE A 235 15.59 -9.96 -2.47
N TYR A 236 16.58 -9.29 -3.04
CA TYR A 236 16.33 -7.95 -3.56
C TYR A 236 15.79 -8.00 -4.99
N GLU A 237 16.49 -8.72 -5.87
CA GLU A 237 16.22 -8.69 -7.30
C GLU A 237 15.20 -9.71 -7.71
N GLY A 238 15.10 -10.79 -6.95
CA GLY A 238 14.17 -11.87 -7.28
C GLY A 238 12.83 -11.71 -6.60
N PRO A 239 11.86 -12.52 -7.01
CA PRO A 239 10.50 -12.49 -6.43
C PRO A 239 10.51 -13.02 -5.00
N GLY A 240 9.52 -12.64 -4.22
CA GLY A 240 9.37 -13.16 -2.88
C GLY A 240 7.91 -13.51 -2.62
N ILE A 241 7.61 -13.86 -1.38
CA ILE A 241 6.24 -14.19 -1.02
C ILE A 241 5.81 -13.39 0.20
N SER A 242 4.50 -13.18 0.36
CA SER A 242 3.97 -12.60 1.58
C SER A 242 2.94 -13.54 2.21
N ILE A 243 2.86 -13.50 3.54
CA ILE A 243 2.01 -14.40 4.27
C ILE A 243 1.22 -13.60 5.31
N LYS A 244 0.03 -14.10 5.63
CA LYS A 244 -0.79 -13.57 6.71
C LYS A 244 -0.81 -14.57 7.86
N LEU A 245 -0.45 -14.11 9.05
CA LEU A 245 -0.46 -14.95 10.24
C LEU A 245 -1.87 -15.45 10.56
N SER A 246 -2.90 -14.68 10.20
CA SER A 246 -4.29 -15.07 10.46
C SER A 246 -4.63 -16.32 9.66
N ALA A 247 -3.85 -16.59 8.61
CA ALA A 247 -4.10 -17.74 7.74
C ALA A 247 -3.51 -19.02 8.32
N LEU A 248 -2.58 -18.90 9.26
CA LEU A 248 -1.80 -20.05 9.73
C LEU A 248 -2.27 -20.60 11.06
N HIS A 249 -3.27 -19.94 11.65
CA HIS A 249 -3.74 -20.33 12.98
C HIS A 249 -5.25 -20.10 13.07
N PRO A 250 -5.99 -21.14 13.47
CA PRO A 250 -7.45 -21.10 13.60
C PRO A 250 -7.89 -20.00 14.55
N ARG A 251 -8.82 -19.15 14.12
CA ARG A 251 -9.38 -18.14 15.00
C ARG A 251 -8.32 -17.22 15.58
N TYR A 252 -7.35 -16.86 14.74
CA TYR A 252 -6.26 -15.93 15.10
C TYR A 252 -6.78 -14.71 15.85
N SER A 253 -7.91 -14.16 15.41
CA SER A 253 -8.41 -12.90 15.96
C SER A 253 -8.48 -12.87 17.49
N ARG A 254 -8.75 -14.00 18.10
CA ARG A 254 -8.82 -14.02 19.57
C ARG A 254 -7.80 -14.98 20.18
N ALA A 255 -6.84 -15.43 19.38
CA ALA A 255 -5.87 -16.43 19.82
C ALA A 255 -4.99 -15.95 20.97
N GLN A 256 -4.73 -16.86 21.90
CA GLN A 256 -3.94 -16.60 23.10
C GLN A 256 -2.45 -16.84 22.84
N TYR A 257 -1.61 -16.14 23.60
CA TYR A 257 -0.16 -16.16 23.39
C TYR A 257 0.45 -17.56 23.35
N ASP A 258 0.09 -18.40 24.32
CA ASP A 258 0.67 -19.73 24.45
C ASP A 258 0.31 -20.65 23.28
N ARG A 259 -0.94 -20.59 22.82
CA ARG A 259 -1.33 -21.41 21.68
C ARG A 259 -0.71 -20.91 20.37
N VAL A 260 -0.58 -19.60 20.23
CA VAL A 260 0.05 -19.03 19.04
C VAL A 260 1.50 -19.50 18.92
N MET A 261 2.25 -19.41 20.02
CA MET A 261 3.65 -19.85 20.04
C MET A 261 3.79 -21.34 19.80
N GLU A 262 2.93 -22.12 20.45
CA GLU A 262 2.99 -23.58 20.33
C GLU A 262 2.65 -24.04 18.92
N GLU A 263 1.75 -23.32 18.25
CA GLU A 263 1.17 -23.82 17.00
C GLU A 263 1.47 -22.96 15.78
N LEU A 264 1.35 -21.64 15.91
CA LEU A 264 1.54 -20.79 14.76
C LEU A 264 3.03 -20.73 14.46
N TYR A 265 3.82 -20.46 15.49
CA TYR A 265 5.23 -20.21 15.32
C TYR A 265 5.97 -21.31 14.58
N PRO A 266 5.73 -22.58 14.94
CA PRO A 266 6.44 -23.62 14.18
C PRO A 266 6.14 -23.53 12.69
N ARG A 267 4.92 -23.16 12.33
CA ARG A 267 4.57 -22.99 10.91
C ARG A 267 5.27 -21.78 10.28
N LEU A 268 5.36 -20.69 11.03
CA LEU A 268 6.01 -19.49 10.53
C LEU A 268 7.50 -19.79 10.30
N LYS A 269 8.13 -20.41 11.29
CA LYS A 269 9.53 -20.82 11.20
C LYS A 269 9.79 -21.73 10.01
N SER A 270 8.97 -22.77 9.86
CA SER A 270 9.11 -23.72 8.76
C SER A 270 9.08 -23.03 7.40
N LEU A 271 8.10 -22.16 7.18
CA LEU A 271 8.02 -21.42 5.92
C LEU A 271 9.23 -20.51 5.70
N THR A 272 9.72 -19.93 6.79
CA THR A 272 10.82 -18.98 6.68
C THR A 272 12.12 -19.72 6.33
N LEU A 273 12.32 -20.89 6.95
CA LEU A 273 13.47 -21.73 6.61
C LEU A 273 13.43 -22.14 5.15
N LEU A 274 12.24 -22.50 4.68
CA LEU A 274 12.07 -22.90 3.29
C LEU A 274 12.38 -21.74 2.35
N ALA A 275 11.87 -20.55 2.66
CA ALA A 275 12.13 -19.37 1.86
C ALA A 275 13.62 -19.12 1.79
N ARG A 276 14.29 -19.30 2.92
CA ARG A 276 15.71 -19.07 3.01
C ARG A 276 16.50 -20.06 2.14
N GLN A 277 16.02 -21.29 2.03
CA GLN A 277 16.69 -22.30 1.21
C GLN A 277 16.69 -21.88 -0.26
N TYR A 278 15.67 -21.14 -0.66
CA TYR A 278 15.56 -20.68 -2.04
C TYR A 278 16.12 -19.27 -2.17
N ASP A 279 16.55 -18.70 -1.05
CA ASP A 279 16.95 -17.30 -0.96
C ASP A 279 15.92 -16.33 -1.54
N ILE A 280 14.66 -16.46 -1.11
CA ILE A 280 13.63 -15.51 -1.51
C ILE A 280 13.09 -14.77 -0.28
N GLY A 281 12.67 -13.52 -0.48
CA GLY A 281 12.09 -12.74 0.59
C GLY A 281 10.80 -13.38 1.11
N ILE A 282 10.61 -13.34 2.43
CA ILE A 282 9.35 -13.75 3.04
C ILE A 282 8.84 -12.67 3.99
N ASN A 283 7.72 -12.08 3.61
CA ASN A 283 7.18 -10.92 4.30
C ASN A 283 5.93 -11.23 5.14
N ILE A 284 5.92 -10.77 6.39
CA ILE A 284 4.77 -10.94 7.26
C ILE A 284 3.83 -9.73 7.13
N ASP A 285 2.64 -9.95 6.56
CA ASP A 285 1.63 -8.89 6.42
C ASP A 285 1.19 -8.38 7.77
N ALA A 286 0.79 -7.11 7.84
CA ALA A 286 0.18 -6.56 9.03
C ALA A 286 -1.35 -6.58 8.85
N GLU A 287 -2.06 -6.98 9.90
CA GLU A 287 -3.52 -7.09 9.83
C GLU A 287 -4.18 -6.14 10.82
N GLU A 288 -5.15 -6.63 11.60
CA GLU A 288 -5.85 -5.75 12.54
C GLU A 288 -4.93 -5.28 13.68
N SER A 289 -5.22 -4.13 14.25
CA SER A 289 -4.30 -3.50 15.20
C SER A 289 -4.14 -4.28 16.50
N ASP A 290 -5.14 -5.07 16.88
CA ASP A 290 -5.01 -5.81 18.13
C ASP A 290 -4.18 -7.08 17.95
N ARG A 291 -3.64 -7.28 16.76
CA ARG A 291 -2.71 -8.38 16.55
C ARG A 291 -1.27 -7.89 16.39
N LEU A 292 -1.06 -6.58 16.47
CA LEU A 292 0.30 -6.02 16.37
C LEU A 292 1.24 -6.68 17.36
N GLU A 293 0.86 -6.63 18.64
CA GLU A 293 1.69 -7.14 19.73
C GLU A 293 2.14 -8.58 19.50
N ILE A 294 1.19 -9.45 19.21
CA ILE A 294 1.55 -10.87 19.04
C ILE A 294 2.42 -11.05 17.81
N SER A 295 2.21 -10.23 16.77
CA SER A 295 3.06 -10.32 15.58
C SER A 295 4.52 -9.95 15.92
N LEU A 296 4.71 -8.99 16.82
CA LEU A 296 6.06 -8.62 17.25
C LEU A 296 6.76 -9.74 18.04
N ASP A 297 6.00 -10.42 18.90
CA ASP A 297 6.54 -11.57 19.65
C ASP A 297 6.98 -12.68 18.71
N LEU A 298 6.19 -12.93 17.67
CA LEU A 298 6.54 -13.97 16.69
C LEU A 298 7.76 -13.58 15.87
N LEU A 299 7.88 -12.28 15.58
CA LEU A 299 9.00 -11.77 14.79
C LEU A 299 10.30 -11.81 15.61
N GLU A 300 10.19 -11.35 16.86
CA GLU A 300 11.28 -11.41 17.82
C GLU A 300 11.89 -12.80 17.83
N LYS A 301 11.06 -13.81 18.05
CA LYS A 301 11.50 -15.19 18.19
C LYS A 301 12.13 -15.68 16.89
N LEU A 302 11.49 -15.36 15.77
CA LEU A 302 11.98 -15.78 14.47
C LEU A 302 13.39 -15.29 14.17
N CYS A 303 13.67 -14.03 14.52
CA CYS A 303 14.93 -13.38 14.18
C CYS A 303 16.13 -13.95 14.95
N PHE A 304 15.86 -14.75 15.97
CA PHE A 304 16.92 -15.36 16.77
C PHE A 304 17.12 -16.85 16.48
N GLU A 305 16.42 -17.36 15.47
CA GLU A 305 16.61 -18.74 15.06
C GLU A 305 18.02 -18.95 14.49
N PRO A 306 18.77 -19.94 15.03
CA PRO A 306 20.14 -20.17 14.58
C PRO A 306 20.21 -20.43 13.08
N GLU A 307 19.23 -21.14 12.54
CA GLU A 307 19.21 -21.50 11.12
C GLU A 307 18.99 -20.28 10.23
N LEU A 308 18.53 -19.17 10.83
CA LEU A 308 18.29 -17.95 10.07
C LEU A 308 19.39 -16.92 10.28
N ALA A 309 20.43 -17.28 11.04
CA ALA A 309 21.50 -16.34 11.33
C ALA A 309 22.17 -15.92 10.03
N GLY A 310 22.49 -14.63 9.92
CA GLY A 310 23.15 -14.10 8.74
C GLY A 310 22.27 -13.93 7.51
N TRP A 311 20.99 -14.30 7.61
CA TRP A 311 20.10 -14.19 6.46
C TRP A 311 19.18 -12.97 6.63
N ASN A 312 19.05 -12.17 5.57
CA ASN A 312 18.33 -10.87 5.65
C ASN A 312 17.03 -10.85 4.86
N GLY A 313 16.45 -12.04 4.67
CA GLY A 313 15.25 -12.17 3.86
C GLY A 313 13.93 -12.06 4.62
N ILE A 314 14.01 -11.87 5.94
CA ILE A 314 12.79 -11.70 6.75
C ILE A 314 12.21 -10.30 6.56
N GLY A 315 10.93 -10.24 6.19
CA GLY A 315 10.25 -9.00 5.91
C GLY A 315 9.06 -8.80 6.83
N PHE A 316 8.69 -7.55 7.07
CA PHE A 316 7.64 -7.24 8.04
C PHE A 316 6.95 -5.93 7.66
N VAL A 317 5.62 -5.93 7.62
CA VAL A 317 4.86 -4.71 7.31
C VAL A 317 4.61 -3.89 8.57
N ILE A 318 4.73 -2.57 8.48
CA ILE A 318 4.26 -1.69 9.55
C ILE A 318 3.30 -0.69 8.93
N GLN A 319 2.25 -0.34 9.68
CA GLN A 319 1.15 0.50 9.20
C GLN A 319 1.25 1.92 9.75
N ALA A 320 1.53 2.89 8.87
CA ALA A 320 1.65 4.30 9.28
C ALA A 320 0.39 4.93 9.89
N TYR A 321 -0.79 4.35 9.66
CA TYR A 321 -2.00 4.96 10.21
C TYR A 321 -2.14 4.67 11.71
N GLN A 322 -1.23 3.86 12.24
CA GLN A 322 -1.24 3.58 13.67
C GLN A 322 -0.40 4.57 14.43
N LYS A 323 -0.90 5.00 15.57
CA LYS A 323 -0.15 5.90 16.42
C LYS A 323 1.12 5.23 16.92
N ARG A 324 1.12 3.91 16.94
CA ARG A 324 2.27 3.13 17.43
C ARG A 324 3.42 3.02 16.43
N CYS A 325 3.21 3.43 15.18
CA CYS A 325 4.15 3.12 14.12
C CYS A 325 5.60 3.55 14.41
N PRO A 326 5.82 4.83 14.75
CA PRO A 326 7.18 5.31 15.02
C PRO A 326 7.83 4.52 16.14
N LEU A 327 7.02 4.11 17.14
CA LEU A 327 7.54 3.35 18.27
C LEU A 327 7.90 1.91 17.88
N VAL A 328 7.16 1.35 16.93
CA VAL A 328 7.45 0.03 16.39
C VAL A 328 8.78 0.07 15.60
N ILE A 329 9.01 1.16 14.89
CA ILE A 329 10.29 1.36 14.20
C ILE A 329 11.46 1.38 15.19
N ASP A 330 11.31 2.09 16.32
CA ASP A 330 12.36 2.08 17.33
C ASP A 330 12.65 0.66 17.78
N TYR A 331 11.59 -0.11 18.04
CA TYR A 331 11.74 -1.52 18.39
C TYR A 331 12.44 -2.34 17.30
N LEU A 332 12.04 -2.13 16.05
CA LEU A 332 12.62 -2.89 14.94
C LEU A 332 14.11 -2.57 14.77
N ILE A 333 14.47 -1.31 14.93
CA ILE A 333 15.86 -0.90 14.80
C ILE A 333 16.70 -1.63 15.86
N ASP A 334 16.14 -1.71 17.06
CA ASP A 334 16.77 -2.45 18.16
C ASP A 334 16.83 -3.94 17.88
N LEU A 335 15.76 -4.50 17.34
CA LEU A 335 15.72 -5.91 17.00
C LEU A 335 16.77 -6.25 15.94
N ALA A 336 16.88 -5.42 14.91
CA ALA A 336 17.86 -5.67 13.85
C ALA A 336 19.27 -5.68 14.44
N THR A 337 19.52 -4.75 15.35
CA THR A 337 20.81 -4.67 16.01
C THR A 337 21.08 -5.93 16.81
N ARG A 338 20.16 -6.28 17.69
CA ARG A 338 20.35 -7.44 18.55
C ARG A 338 20.42 -8.76 17.78
N SER A 339 19.60 -8.94 16.76
CA SER A 339 19.61 -10.21 16.04
C SER A 339 20.61 -10.19 14.89
N ARG A 340 21.32 -9.08 14.73
CA ARG A 340 22.41 -8.99 13.75
C ARG A 340 21.95 -9.22 12.30
N ARG A 341 20.99 -8.42 11.83
CA ARG A 341 20.44 -8.60 10.49
CA ARG A 341 20.56 -8.57 10.45
C ARG A 341 19.93 -7.28 9.92
N ARG A 342 19.69 -7.27 8.61
CA ARG A 342 18.99 -6.18 7.95
C ARG A 342 17.57 -6.70 7.72
N LEU A 343 16.57 -5.98 8.24
CA LEU A 343 15.18 -6.39 8.09
C LEU A 343 14.59 -5.73 6.84
N MET A 344 13.77 -6.46 6.10
CA MET A 344 13.05 -5.86 4.98
C MET A 344 11.73 -5.32 5.52
N ILE A 345 11.61 -4.00 5.55
CA ILE A 345 10.45 -3.38 6.21
C ILE A 345 9.57 -2.68 5.19
N ARG A 346 8.34 -3.16 5.04
CA ARG A 346 7.37 -2.53 4.16
C ARG A 346 6.60 -1.48 4.92
N LEU A 347 6.77 -0.22 4.55
CA LEU A 347 6.00 0.84 5.19
C LEU A 347 4.77 1.05 4.34
N VAL A 348 3.61 0.82 4.95
CA VAL A 348 2.32 1.03 4.29
C VAL A 348 1.50 2.03 5.11
N LYS A 349 0.49 2.64 4.51
CA LYS A 349 -0.42 3.45 5.29
C LYS A 349 -1.38 2.59 6.13
N GLY A 350 -2.11 1.68 5.49
CA GLY A 350 -2.90 0.70 6.23
C GLY A 350 -4.19 0.38 5.52
N ALA A 351 -4.59 -0.89 5.53
CA ALA A 351 -5.70 -1.37 4.71
C ALA A 351 -7.03 -1.55 5.44
N TYR A 352 -7.05 -1.40 6.76
CA TYR A 352 -8.23 -1.79 7.55
C TYR A 352 -8.88 -0.60 8.27
N TRP A 353 -8.70 0.61 7.75
CA TRP A 353 -9.13 1.80 8.46
C TRP A 353 -10.62 1.80 8.84
N ASP A 354 -11.49 1.51 7.89
CA ASP A 354 -12.92 1.50 8.20
C ASP A 354 -13.27 0.57 9.37
N SER A 355 -12.75 -0.65 9.35
CA SER A 355 -12.98 -1.62 10.43
C SER A 355 -12.33 -1.18 11.74
N GLU A 356 -11.16 -0.56 11.68
CA GLU A 356 -10.51 -0.08 12.89
C GLU A 356 -11.38 0.97 13.63
N ILE A 357 -11.93 1.91 12.88
CA ILE A 357 -12.78 2.94 13.49
C ILE A 357 -14.02 2.29 14.13
N LYS A 358 -14.69 1.43 13.37
CA LYS A 358 -15.89 0.73 13.86
C LYS A 358 -15.58 -0.13 15.09
N ARG A 359 -14.47 -0.86 15.04
CA ARG A 359 -14.05 -1.67 16.18
C ARG A 359 -13.87 -0.82 17.45
N ALA A 360 -13.16 0.30 17.33
CA ALA A 360 -12.89 1.13 18.51
C ALA A 360 -14.17 1.73 19.08
N GLN A 361 -15.11 2.08 18.19
CA GLN A 361 -16.36 2.72 18.60
C GLN A 361 -17.27 1.73 19.31
N MET A 362 -17.11 0.45 18.99
CA MET A 362 -17.90 -0.60 19.62
C MET A 362 -17.31 -1.02 20.95
N ASP A 363 -16.00 -0.87 21.10
CA ASP A 363 -15.35 -1.23 22.35
C ASP A 363 -15.36 -0.09 23.36
N GLY A 364 -15.83 1.08 22.91
CA GLY A 364 -15.90 2.25 23.76
C GLY A 364 -14.65 2.53 24.59
N LEU A 365 -13.49 2.46 23.97
CA LEU A 365 -12.23 2.70 24.68
C LEU A 365 -11.82 4.17 24.71
N GLU A 366 -10.70 4.44 25.38
CA GLU A 366 -10.23 5.81 25.56
C GLU A 366 -10.02 6.56 24.24
N GLY A 367 -9.70 5.83 23.18
CA GLY A 367 -9.40 6.46 21.91
C GLY A 367 -9.18 5.47 20.77
N TYR A 368 -8.72 5.97 19.63
CA TYR A 368 -8.51 5.13 18.47
C TYR A 368 -7.05 4.73 18.36
N PRO A 369 -6.78 3.52 17.85
CA PRO A 369 -5.41 3.09 17.59
C PRO A 369 -4.89 3.63 16.26
N VAL A 370 -5.77 4.23 15.46
CA VAL A 370 -5.38 4.81 14.16
C VAL A 370 -5.76 6.29 14.14
N TYR A 371 -5.19 7.06 13.21
CA TYR A 371 -5.58 8.47 13.03
C TYR A 371 -6.98 8.53 12.42
N THR A 372 -7.64 9.68 12.56
CA THR A 372 -9.01 9.83 12.05
C THR A 372 -9.11 10.78 10.87
N ARG A 373 -8.05 11.56 10.62
CA ARG A 373 -7.93 12.30 9.37
C ARG A 373 -6.84 11.74 8.46
N LYS A 374 -7.15 11.64 7.18
CA LYS A 374 -6.27 10.99 6.24
C LYS A 374 -4.92 11.74 6.17
N VAL A 375 -4.97 13.06 6.26
CA VAL A 375 -3.73 13.84 6.15
C VAL A 375 -2.74 13.52 7.30
N TYR A 376 -3.26 13.10 8.46
CA TYR A 376 -2.38 12.74 9.57
C TYR A 376 -1.64 11.44 9.29
N THR A 377 -2.32 10.51 8.62
CA THR A 377 -1.68 9.27 8.21
C THR A 377 -0.55 9.58 7.21
N ASP A 378 -0.80 10.50 6.28
CA ASP A 378 0.22 10.94 5.34
C ASP A 378 1.44 11.52 6.08
N VAL A 379 1.19 12.30 7.12
CA VAL A 379 2.28 12.91 7.88
C VAL A 379 3.08 11.82 8.62
N SER A 380 2.35 10.89 9.24
CA SER A 380 2.96 9.75 9.92
C SER A 380 3.85 8.96 8.96
N TYR A 381 3.36 8.71 7.75
CA TYR A 381 4.13 7.97 6.77
C TYR A 381 5.44 8.69 6.43
N LEU A 382 5.40 10.01 6.27
CA LEU A 382 6.63 10.76 5.96
C LEU A 382 7.63 10.74 7.12
N ALA A 383 7.14 10.90 8.35
CA ALA A 383 8.00 10.87 9.51
C ALA A 383 8.64 9.47 9.66
N CYS A 384 7.84 8.44 9.47
CA CYS A 384 8.33 7.07 9.61
C CYS A 384 9.34 6.76 8.52
N ALA A 385 9.08 7.23 7.31
CA ALA A 385 9.98 7.03 6.19
C ALA A 385 11.39 7.58 6.49
N LYS A 386 11.46 8.77 7.09
CA LYS A 386 12.73 9.38 7.46
C LYS A 386 13.49 8.51 8.46
N LYS A 387 12.78 8.03 9.47
CA LYS A 387 13.35 7.13 10.47
C LYS A 387 13.95 5.86 9.85
N LEU A 388 13.27 5.33 8.83
CA LEU A 388 13.72 4.10 8.19
C LEU A 388 14.93 4.36 7.29
N LEU A 389 14.90 5.45 6.54
CA LEU A 389 15.99 5.80 5.64
C LEU A 389 17.28 6.11 6.38
N ALA A 390 17.16 6.44 7.66
CA ALA A 390 18.32 6.80 8.48
C ALA A 390 19.22 5.63 8.85
N VAL A 391 18.71 4.40 8.74
CA VAL A 391 19.44 3.21 9.21
C VAL A 391 19.60 2.10 8.18
N PRO A 392 20.26 2.41 7.04
CA PRO A 392 20.41 1.52 5.89
C PRO A 392 21.14 0.24 6.28
N ASN A 393 21.91 0.26 7.35
CA ASN A 393 22.60 -0.95 7.80
C ASN A 393 21.65 -1.92 8.50
N LEU A 394 20.53 -1.39 9.02
CA LEU A 394 19.61 -2.20 9.83
C LEU A 394 18.31 -2.52 9.14
N ILE A 395 17.94 -1.70 8.17
CA ILE A 395 16.66 -1.84 7.50
CA ILE A 395 16.64 -1.77 7.51
C ILE A 395 16.76 -1.61 6.00
N TYR A 396 16.09 -2.47 5.25
CA TYR A 396 15.86 -2.24 3.83
C TYR A 396 14.41 -1.76 3.69
N PRO A 397 14.22 -0.45 3.52
CA PRO A 397 12.85 0.09 3.49
C PRO A 397 12.18 -0.15 2.14
N GLN A 398 10.91 -0.53 2.18
CA GLN A 398 10.13 -0.79 0.97
C GLN A 398 8.87 0.07 1.06
N PHE A 399 8.82 1.10 0.23
CA PHE A 399 7.82 2.14 0.36
C PHE A 399 6.61 1.89 -0.52
N ALA A 400 5.59 1.28 0.07
CA ALA A 400 4.36 0.96 -0.63
C ALA A 400 3.46 2.20 -0.71
N THR A 401 3.17 2.66 -1.92
CA THR A 401 2.26 3.78 -2.13
C THR A 401 1.79 3.88 -3.58
N HIS A 402 0.59 4.40 -3.80
CA HIS A 402 0.11 4.70 -5.14
C HIS A 402 -0.02 6.22 -5.28
N ASN A 403 0.44 6.93 -4.26
CA ASN A 403 0.28 8.37 -4.16
C ASN A 403 1.51 9.06 -4.72
N ALA A 404 1.31 9.89 -5.75
CA ALA A 404 2.41 10.56 -6.45
C ALA A 404 3.22 11.46 -5.53
N HIS A 405 2.57 12.14 -4.59
CA HIS A 405 3.31 12.98 -3.66
C HIS A 405 4.16 12.15 -2.69
N THR A 406 3.55 11.12 -2.12
CA THR A 406 4.25 10.25 -1.18
C THR A 406 5.50 9.68 -1.84
N LEU A 407 5.34 9.26 -3.09
CA LEU A 407 6.42 8.68 -3.86
C LEU A 407 7.52 9.74 -4.09
N ALA A 408 7.12 10.92 -4.55
CA ALA A 408 8.06 12.00 -4.80
C ALA A 408 8.80 12.43 -3.54
N ALA A 409 8.07 12.51 -2.43
CA ALA A 409 8.68 12.89 -1.15
C ALA A 409 9.76 11.87 -0.71
N ILE A 410 9.43 10.58 -0.80
CA ILE A 410 10.39 9.51 -0.45
C ILE A 410 11.63 9.57 -1.35
N TYR A 411 11.40 9.68 -2.66
CA TYR A 411 12.46 9.82 -3.65
C TYR A 411 13.43 10.92 -3.25
N GLN A 412 12.90 12.03 -2.72
CA GLN A 412 13.76 13.14 -2.32
C GLN A 412 14.42 12.92 -0.95
N LEU A 413 13.64 12.40 0.00
CA LEU A 413 14.14 12.14 1.34
C LEU A 413 15.27 11.12 1.33
N ALA A 414 15.31 10.30 0.30
CA ALA A 414 16.30 9.24 0.22
C ALA A 414 17.68 9.78 -0.17
N GLY A 415 17.74 11.04 -0.57
CA GLY A 415 19.01 11.73 -0.78
C GLY A 415 19.72 11.42 -2.08
N GLN A 416 20.89 12.02 -2.26
CA GLN A 416 21.68 11.83 -3.45
C GLN A 416 22.39 10.48 -3.40
N ASN A 417 22.83 9.99 -4.54
CA ASN A 417 23.61 8.76 -4.56
C ASN A 417 22.79 7.53 -4.20
N TYR A 418 21.67 7.36 -4.90
CA TYR A 418 20.92 6.13 -4.82
C TYR A 418 21.79 4.94 -5.24
N TYR A 419 21.60 3.80 -4.56
CA TYR A 419 22.13 2.52 -5.00
C TYR A 419 20.97 1.53 -4.85
N PRO A 420 20.92 0.50 -5.70
CA PRO A 420 19.77 -0.42 -5.73
C PRO A 420 19.28 -0.95 -4.37
N GLY A 421 20.21 -1.34 -3.51
CA GLY A 421 19.85 -1.93 -2.24
C GLY A 421 19.55 -0.91 -1.15
N GLN A 422 19.42 0.36 -1.52
CA GLN A 422 19.09 1.37 -0.53
C GLN A 422 17.61 1.27 -0.12
N TYR A 423 16.73 1.15 -1.10
CA TYR A 423 15.29 1.02 -0.82
C TYR A 423 14.58 0.64 -2.10
N GLU A 424 13.32 0.23 -2.00
CA GLU A 424 12.51 0.07 -3.20
C GLU A 424 11.12 0.69 -2.98
N PHE A 425 10.37 0.88 -4.06
CA PHE A 425 8.97 1.24 -3.97
C PHE A 425 8.18 -0.05 -4.07
N GLN A 426 6.90 -0.01 -3.71
CA GLN A 426 6.01 -1.15 -3.92
C GLN A 426 4.59 -0.70 -4.27
N CYS A 427 3.83 -1.55 -4.96
CA CYS A 427 2.44 -1.21 -5.30
C CYS A 427 1.58 -2.44 -5.35
N LEU A 428 0.27 -2.25 -5.50
CA LEU A 428 -0.66 -3.36 -5.63
C LEU A 428 -0.95 -3.57 -7.11
N HIS A 429 -0.96 -4.83 -7.54
CA HIS A 429 -1.36 -5.16 -8.89
C HIS A 429 -2.76 -4.61 -9.18
N GLY A 430 -2.92 -3.99 -10.35
CA GLY A 430 -4.19 -3.42 -10.74
C GLY A 430 -4.33 -1.97 -10.31
N MET A 431 -3.40 -1.49 -9.49
CA MET A 431 -3.49 -0.11 -9.01
C MET A 431 -2.25 0.75 -9.30
N GLY A 432 -1.06 0.17 -9.18
CA GLY A 432 0.15 0.97 -9.21
C GLY A 432 0.94 1.00 -10.50
N GLU A 433 0.68 0.05 -11.40
CA GLU A 433 1.50 -0.03 -12.63
C GLU A 433 1.52 1.23 -13.49
N PRO A 434 0.34 1.86 -13.73
CA PRO A 434 0.35 3.12 -14.47
C PRO A 434 1.36 4.12 -13.92
N LEU A 435 1.33 4.36 -12.61
CA LEU A 435 2.21 5.33 -11.98
C LEU A 435 3.68 4.90 -12.05
N TYR A 436 3.95 3.62 -11.80
CA TYR A 436 5.32 3.16 -11.68
C TYR A 436 5.97 2.89 -13.03
N GLU A 437 5.19 2.94 -14.09
CA GLU A 437 5.71 2.92 -15.45
C GLU A 437 6.55 4.17 -15.71
N GLN A 438 6.31 5.23 -14.95
CA GLN A 438 7.14 6.45 -15.06
C GLN A 438 8.36 6.37 -14.17
N VAL A 439 8.43 5.34 -13.32
CA VAL A 439 9.39 5.32 -12.23
C VAL A 439 10.45 4.25 -12.40
N THR A 440 10.00 3.02 -12.60
CA THR A 440 10.91 1.90 -12.82
C THR A 440 11.30 1.86 -14.29
N GLY A 441 12.60 1.94 -14.56
CA GLY A 441 13.08 2.00 -15.92
C GLY A 441 14.26 2.94 -16.07
N LYS A 442 14.78 3.05 -17.29
CA LYS A 442 16.00 3.81 -17.56
C LYS A 442 15.76 5.31 -17.59
N VAL A 443 16.74 6.06 -17.09
CA VAL A 443 16.67 7.51 -17.07
C VAL A 443 16.61 8.08 -18.49
N ALA A 444 17.28 7.41 -19.41
CA ALA A 444 17.30 7.83 -20.80
C ALA A 444 15.90 7.78 -21.40
N ASP A 445 15.07 6.87 -20.87
CA ASP A 445 13.69 6.72 -21.34
C ASP A 445 12.74 7.61 -20.56
N GLY A 446 13.30 8.49 -19.73
CA GLY A 446 12.51 9.45 -18.99
C GLY A 446 11.96 8.92 -17.67
N LYS A 447 12.51 7.81 -17.18
CA LYS A 447 12.06 7.21 -15.92
C LYS A 447 13.00 7.59 -14.77
N LEU A 448 12.59 7.29 -13.54
CA LEU A 448 13.39 7.62 -12.36
C LEU A 448 14.48 6.59 -12.04
N ASN A 449 14.41 5.42 -12.66
CA ASN A 449 15.33 4.34 -12.37
C ASN A 449 15.31 3.93 -10.90
N ARG A 450 14.11 3.77 -10.36
CA ARG A 450 13.92 3.20 -9.04
C ARG A 450 13.08 1.94 -9.16
N PRO A 451 13.47 0.87 -8.45
CA PRO A 451 12.77 -0.41 -8.53
C PRO A 451 11.41 -0.34 -7.85
N CYS A 452 10.42 -1.05 -8.40
CA CYS A 452 9.12 -1.18 -7.73
C CYS A 452 8.75 -2.65 -7.68
N ARG A 453 8.36 -3.13 -6.50
CA ARG A 453 7.91 -4.51 -6.35
C ARG A 453 6.37 -4.56 -6.30
N ILE A 454 5.77 -5.30 -7.22
CA ILE A 454 4.32 -5.42 -7.30
C ILE A 454 3.86 -6.55 -6.42
N SER A 455 2.89 -6.29 -5.54
CA SER A 455 2.25 -7.35 -4.80
C SER A 455 1.16 -7.98 -5.67
N ALA A 456 1.26 -9.29 -5.84
CA ALA A 456 0.44 -9.99 -6.83
C ALA A 456 -0.43 -11.05 -6.18
N PRO A 457 -1.74 -10.76 -6.06
CA PRO A 457 -2.63 -11.72 -5.41
C PRO A 457 -2.78 -12.98 -6.26
N VAL A 458 -2.79 -14.12 -5.58
CA VAL A 458 -2.93 -15.40 -6.25
C VAL A 458 -4.04 -16.20 -5.56
N GLY A 459 -5.05 -16.61 -6.32
CA GLY A 459 -6.10 -17.46 -5.79
C GLY A 459 -7.39 -17.44 -6.58
N THR A 460 -8.31 -18.34 -6.24
CA THR A 460 -9.62 -18.43 -6.89
C THR A 460 -10.67 -17.56 -6.20
N HIS A 461 -11.82 -17.42 -6.85
CA HIS A 461 -12.90 -16.56 -6.35
C HIS A 461 -13.27 -16.86 -4.90
N GLU A 462 -13.00 -18.09 -4.46
CA GLU A 462 -13.36 -18.52 -3.12
C GLU A 462 -12.49 -17.90 -2.02
N THR A 463 -11.40 -17.24 -2.42
CA THR A 463 -10.47 -16.62 -1.48
C THR A 463 -10.38 -15.12 -1.66
N LEU A 464 -11.22 -14.57 -2.51
CA LEU A 464 -11.04 -13.20 -2.99
C LEU A 464 -11.76 -12.14 -2.17
N LEU A 465 -12.80 -12.55 -1.44
CA LEU A 465 -13.74 -11.61 -0.84
C LEU A 465 -13.10 -10.52 0.01
N ALA A 466 -12.39 -10.91 1.07
CA ALA A 466 -11.91 -9.93 2.04
C ALA A 466 -10.93 -8.94 1.40
N TYR A 467 -10.08 -9.43 0.50
CA TYR A 467 -9.12 -8.58 -0.21
C TYR A 467 -9.84 -7.59 -1.11
N LEU A 468 -10.81 -8.09 -1.88
CA LEU A 468 -11.60 -7.23 -2.76
C LEU A 468 -12.27 -6.10 -1.96
N VAL A 469 -12.91 -6.44 -0.86
CA VAL A 469 -13.61 -5.40 -0.08
C VAL A 469 -12.58 -4.31 0.32
N ARG A 470 -11.41 -4.72 0.78
CA ARG A 470 -10.38 -3.74 1.13
C ARG A 470 -9.99 -2.85 -0.07
N ARG A 471 -9.92 -3.45 -1.27
CA ARG A 471 -9.63 -2.67 -2.47
C ARG A 471 -10.78 -1.73 -2.84
N LEU A 472 -12.02 -2.19 -2.67
CA LEU A 472 -13.18 -1.33 -2.90
C LEU A 472 -13.13 -0.09 -2.03
N LEU A 473 -12.89 -0.29 -0.74
CA LEU A 473 -12.78 0.82 0.22
C LEU A 473 -11.68 1.80 -0.16
N GLU A 474 -10.54 1.25 -0.56
CA GLU A 474 -9.36 2.06 -0.85
C GLU A 474 -9.59 2.89 -2.11
N ASN A 475 -10.10 2.24 -3.15
CA ASN A 475 -10.33 2.92 -4.42
C ASN A 475 -11.50 3.91 -4.37
N GLY A 476 -12.52 3.58 -3.59
CA GLY A 476 -13.75 4.36 -3.58
C GLY A 476 -13.78 5.53 -2.62
N ALA A 477 -12.79 5.61 -1.72
CA ALA A 477 -12.79 6.67 -0.72
C ALA A 477 -12.40 8.00 -1.35
N ASN A 478 -13.21 9.03 -1.10
CA ASN A 478 -12.94 10.34 -1.69
C ASN A 478 -11.61 10.94 -1.18
N THR A 479 -11.08 10.38 -0.10
CA THR A 479 -9.79 10.84 0.43
C THR A 479 -8.59 10.16 -0.24
N SER A 480 -8.86 9.11 -1.00
CA SER A 480 -7.76 8.35 -1.61
C SER A 480 -7.21 9.03 -2.86
N PHE A 481 -5.89 9.04 -2.97
CA PHE A 481 -5.20 9.61 -4.13
C PHE A 481 -5.71 9.01 -5.43
N VAL A 482 -5.96 7.70 -5.44
CA VAL A 482 -6.35 7.04 -6.69
C VAL A 482 -7.78 7.44 -7.07
N ASN A 483 -8.53 7.96 -6.11
CA ASN A 483 -9.87 8.45 -6.37
C ASN A 483 -9.80 9.88 -6.88
N ARG A 484 -9.12 10.73 -6.11
CA ARG A 484 -8.97 12.14 -6.45
C ARG A 484 -8.27 12.42 -7.78
N ILE A 485 -7.34 11.54 -8.19
CA ILE A 485 -6.63 11.80 -9.44
C ILE A 485 -7.53 11.58 -10.65
N ALA A 486 -8.63 10.86 -10.44
CA ALA A 486 -9.61 10.63 -11.50
C ALA A 486 -10.55 11.83 -11.61
N ASP A 487 -10.61 12.61 -10.54
CA ASP A 487 -11.45 13.80 -10.48
C ASP A 487 -10.77 14.97 -11.19
N THR A 488 -10.99 15.10 -12.49
CA THR A 488 -10.37 16.15 -13.29
C THR A 488 -10.77 17.56 -12.86
N SER A 489 -11.69 17.67 -11.91
CA SER A 489 -12.09 18.99 -11.40
C SER A 489 -11.24 19.40 -10.21
N LEU A 490 -10.39 18.48 -9.75
CA LEU A 490 -9.47 18.76 -8.65
C LEU A 490 -8.10 19.10 -9.22
N PRO A 491 -7.62 20.33 -8.97
CA PRO A 491 -6.37 20.79 -9.56
C PRO A 491 -5.19 19.96 -9.08
N LEU A 492 -4.23 19.69 -9.97
CA LEU A 492 -3.06 18.90 -9.61
C LEU A 492 -2.39 19.38 -8.33
N ASP A 493 -2.37 20.71 -8.14
CA ASP A 493 -1.66 21.28 -6.99
C ASP A 493 -2.32 20.93 -5.66
N GLU A 494 -3.64 20.83 -5.66
CA GLU A 494 -4.35 20.40 -4.45
C GLU A 494 -4.12 18.91 -4.21
N LEU A 495 -4.11 18.14 -5.30
CA LEU A 495 -3.94 16.69 -5.25
C LEU A 495 -2.58 16.28 -4.66
N VAL A 496 -1.53 17.01 -5.02
CA VAL A 496 -0.18 16.70 -4.54
C VAL A 496 0.23 17.64 -3.41
N ALA A 497 -0.74 18.25 -2.75
CA ALA A 497 -0.46 19.20 -1.68
C ALA A 497 0.36 18.55 -0.56
N ASP A 498 1.29 19.30 0.02
CA ASP A 498 2.14 18.74 1.06
C ASP A 498 1.34 18.53 2.35
N PRO A 499 1.39 17.30 2.90
CA PRO A 499 0.59 16.92 4.06
C PRO A 499 0.92 17.72 5.31
N VAL A 500 2.20 18.01 5.55
CA VAL A 500 2.60 18.78 6.73
C VAL A 500 1.99 20.20 6.68
N THR A 501 2.02 20.80 5.51
CA THR A 501 1.51 22.15 5.33
C THR A 501 -0.01 22.14 5.45
N ALA A 502 -0.63 21.08 4.91
CA ALA A 502 -2.06 20.86 5.10
C ALA A 502 -2.43 20.81 6.58
N VAL A 503 -1.65 20.06 7.36
CA VAL A 503 -1.94 19.96 8.80
C VAL A 503 -1.77 21.31 9.50
N GLU A 504 -0.77 22.07 9.10
CA GLU A 504 -0.55 23.38 9.70
C GLU A 504 -1.67 24.35 9.31
N LYS A 505 -2.19 24.23 8.09
CA LYS A 505 -3.35 25.03 7.70
C LYS A 505 -4.55 24.75 8.60
N LEU A 506 -4.91 23.48 8.71
CA LEU A 506 -5.96 23.06 9.62
C LEU A 506 -5.76 23.60 11.03
N ALA A 507 -4.53 23.52 11.53
CA ALA A 507 -4.24 23.92 12.90
C ALA A 507 -4.53 25.41 13.11
N GLN A 508 -4.28 26.20 12.06
CA GLN A 508 -4.48 27.64 12.12
C GLN A 508 -5.98 27.94 12.09
N GLN A 509 -6.70 27.22 11.24
CA GLN A 509 -8.13 27.42 11.09
C GLN A 509 -8.94 26.91 12.29
N GLU A 510 -8.44 25.87 12.96
CA GLU A 510 -9.23 25.21 13.99
C GLU A 510 -8.81 25.56 15.42
N GLY A 511 -7.63 26.13 15.57
CA GLY A 511 -7.20 26.58 16.89
C GLY A 511 -6.19 25.67 17.58
N GLN A 512 -5.98 24.48 17.04
CA GLN A 512 -4.88 23.63 17.52
C GLN A 512 -4.53 22.49 16.58
N THR A 513 -3.35 21.92 16.78
CA THR A 513 -2.78 20.97 15.84
C THR A 513 -3.30 19.57 16.07
N GLY A 514 -3.70 18.91 14.99
CA GLY A 514 -4.02 17.51 15.04
C GLY A 514 -5.32 17.17 15.75
N LEU A 515 -6.34 18.01 15.58
CA LEU A 515 -7.65 17.68 16.13
C LEU A 515 -8.23 16.51 15.34
N PRO A 516 -8.98 15.63 16.03
CA PRO A 516 -9.64 14.52 15.34
C PRO A 516 -10.58 14.98 14.25
N HIS A 517 -10.93 14.07 13.36
CA HIS A 517 -11.92 14.33 12.33
C HIS A 517 -13.22 14.80 13.01
N PRO A 518 -13.79 15.91 12.54
CA PRO A 518 -15.01 16.47 13.17
C PRO A 518 -16.11 15.44 13.24
N LYS A 519 -16.23 14.58 12.23
CA LYS A 519 -17.28 13.57 12.18
C LYS A 519 -16.92 12.27 12.91
N ILE A 520 -15.75 12.21 13.53
CA ILE A 520 -15.36 11.02 14.28
C ILE A 520 -14.95 11.37 15.72
N PRO A 521 -15.97 11.50 16.59
CA PRO A 521 -15.78 11.74 18.02
C PRO A 521 -15.09 10.57 18.69
N LEU A 522 -14.57 10.78 19.89
CA LEU A 522 -14.00 9.70 20.70
C LEU A 522 -15.07 8.65 20.94
N PRO A 523 -14.68 7.37 20.96
CA PRO A 523 -15.69 6.31 21.15
C PRO A 523 -16.67 6.59 22.30
N ARG A 524 -16.18 7.21 23.38
CA ARG A 524 -17.02 7.47 24.54
C ARG A 524 -17.94 8.71 24.40
N ASP A 525 -18.13 9.17 23.17
CA ASP A 525 -18.99 10.33 22.91
C ASP A 525 -20.11 9.99 21.92
#